data_4PHM
#
_entry.id   4PHM
#
_cell.length_a   49.410
_cell.length_b   79.340
_cell.length_c   57.260
_cell.angle_alpha   90.00
_cell.angle_beta   91.23
_cell.angle_gamma   90.00
#
_symmetry.space_group_name_H-M   'P 1 21 1'
#
loop_
_entity.id
_entity.type
_entity.pdbx_description
1 polymer 'Calpain small subunit 1'
2 non-polymer '3-(5-bromo-1H-indol-3-yl)-2-thioxopropanoic acid'
3 non-polymer 'CALCIUM ION'
4 water water
#
_entity_poly.entity_id   1
_entity_poly.type   'polypeptide(L)'
_entity_poly.pdbx_seq_one_letter_code
;EEVRQFRRLFAQLAGDDMEVSATELMNILNKVVTRHPDLKTDGFGIDTCRSMVAVMDSDTTGKLGFEEFKYLWNNIKRWQ
AIYKQFDTDRSGTICSSELPGAFEAAGFHLNEHLYNMIIRRYSDESGNMDFDNFISCLVRLDAMFRAFKSLDKDGTGQIQ
VNIQEWLQLTMYS
;
_entity_poly.pdbx_strand_id   A,B
#
# COMPACT_ATOMS: atom_id res chain seq x y z
N GLU A 1 3.17 -17.91 31.20
CA GLU A 1 4.66 -17.87 31.22
C GLU A 1 5.26 -17.02 30.03
N GLU A 2 5.09 -17.49 28.79
CA GLU A 2 5.40 -16.67 27.62
C GLU A 2 4.16 -15.82 27.31
N VAL A 3 3.09 -15.98 28.12
CA VAL A 3 1.98 -15.01 28.20
C VAL A 3 2.29 -13.87 29.21
N ARG A 4 3.01 -14.19 30.28
CA ARG A 4 3.58 -13.17 31.14
C ARG A 4 4.49 -12.24 30.35
N GLN A 5 5.49 -12.85 29.71
CA GLN A 5 6.55 -12.20 28.89
C GLN A 5 6.07 -11.31 27.72
N PHE A 6 5.05 -11.80 27.05
CA PHE A 6 4.47 -11.15 25.95
C PHE A 6 3.62 -9.98 26.41
N ARG A 7 2.95 -10.10 27.53
CA ARG A 7 2.28 -8.93 28.02
C ARG A 7 3.31 -7.85 28.37
N ARG A 8 4.47 -8.23 28.93
CA ARG A 8 5.56 -7.27 29.23
C ARG A 8 6.10 -6.58 27.97
N LEU A 9 6.27 -7.38 26.89
CA LEU A 9 6.74 -6.90 25.57
C LEU A 9 5.75 -5.86 25.10
N PHE A 10 4.51 -6.27 24.99
CA PHE A 10 3.47 -5.36 24.60
C PHE A 10 3.42 -4.07 25.42
N ALA A 11 3.43 -4.17 26.73
CA ALA A 11 3.29 -2.99 27.54
C ALA A 11 4.45 -2.04 27.28
N GLN A 12 5.66 -2.58 27.19
CA GLN A 12 6.86 -1.75 27.04
C GLN A 12 6.86 -1.05 25.69
N LEU A 13 6.36 -1.76 24.68
CA LEU A 13 6.32 -1.32 23.31
C LEU A 13 5.24 -0.27 23.04
N ALA A 14 4.06 -0.50 23.59
CA ALA A 14 2.93 0.36 23.40
C ALA A 14 3.05 1.70 24.12
N GLY A 15 3.80 1.74 25.21
CA GLY A 15 3.87 2.91 26.04
C GLY A 15 2.50 3.44 26.50
N ASP A 16 2.40 4.75 26.52
CA ASP A 16 1.53 5.42 27.46
C ASP A 16 0.15 5.60 26.95
N ASP A 17 -0.05 5.34 25.65
CA ASP A 17 -1.38 5.18 25.18
C ASP A 17 -1.83 3.72 25.06
N MET A 18 -0.97 2.77 25.43
CA MET A 18 -1.31 1.32 25.47
C MET A 18 -1.78 0.73 24.12
N GLU A 19 -1.29 1.35 23.05
CA GLU A 19 -1.48 0.86 21.71
C GLU A 19 -0.20 1.04 20.94
N VAL A 20 -0.06 0.20 19.93
CA VAL A 20 1.12 0.20 19.09
C VAL A 20 0.84 0.95 17.80
N SER A 21 1.56 2.05 17.61
CA SER A 21 1.51 2.85 16.38
C SER A 21 2.43 2.31 15.31
N ALA A 22 2.27 2.84 14.12
CA ALA A 22 3.04 2.38 13.03
C ALA A 22 4.53 2.62 13.27
N THR A 23 4.87 3.68 13.99
CA THR A 23 6.25 3.99 14.30
C THR A 23 6.81 3.02 15.32
N GLU A 24 6.04 2.77 16.39
CA GLU A 24 6.40 1.82 17.38
C GLU A 24 6.60 0.44 16.71
N LEU A 25 5.69 0.04 15.81
CA LEU A 25 5.82 -1.23 15.10
C LEU A 25 7.08 -1.30 14.24
N MET A 26 7.32 -0.21 13.51
CA MET A 26 8.47 -0.13 12.61
C MET A 26 9.72 -0.36 13.38
N ASN A 27 9.83 0.31 14.53
CA ASN A 27 11.00 0.15 15.35
C ASN A 27 11.17 -1.21 15.92
N ILE A 28 10.12 -1.82 16.44
CA ILE A 28 10.40 -3.15 16.96
C ILE A 28 10.76 -4.09 15.82
N LEU A 29 10.18 -3.91 14.64
CA LEU A 29 10.45 -4.87 13.55
C LEU A 29 11.90 -4.79 13.08
N ASN A 30 12.37 -3.59 12.77
CA ASN A 30 13.75 -3.40 12.36
C ASN A 30 14.69 -3.83 13.40
N LYS A 31 14.33 -3.60 14.66
CA LYS A 31 15.14 -4.04 15.78
C LYS A 31 15.24 -5.56 15.78
N VAL A 32 14.10 -6.24 15.66
CA VAL A 32 14.09 -7.69 15.62
C VAL A 32 14.80 -8.28 14.41
N VAL A 33 14.61 -7.73 13.21
CA VAL A 33 15.35 -8.28 12.05
C VAL A 33 16.87 -8.18 12.14
N THR A 34 17.43 -7.22 12.86
CA THR A 34 18.90 -7.20 12.99
C THR A 34 19.45 -8.42 13.73
N ARG A 35 18.69 -8.97 14.66
CA ARG A 35 19.08 -10.23 15.29
C ARG A 35 19.09 -11.40 14.32
N HIS A 36 18.43 -11.29 13.18
CA HIS A 36 18.29 -12.40 12.24
C HIS A 36 18.96 -12.11 10.89
N PRO A 37 20.31 -12.12 10.84
CA PRO A 37 21.11 -11.91 9.63
C PRO A 37 20.66 -12.70 8.43
N ASP A 38 20.24 -13.94 8.62
CA ASP A 38 19.72 -14.73 7.52
C ASP A 38 18.44 -14.16 6.86
N LEU A 39 17.79 -13.17 7.48
CA LEU A 39 16.64 -12.52 6.84
C LEU A 39 17.10 -11.24 6.16
N LYS A 40 17.38 -11.31 4.86
CA LYS A 40 17.77 -10.11 4.17
C LYS A 40 16.61 -9.11 3.93
N THR A 41 16.91 -7.85 4.24
CA THR A 41 15.95 -6.81 4.16
C THR A 41 16.63 -5.42 4.00
N ASP A 42 15.98 -4.54 3.25
CA ASP A 42 16.38 -3.14 3.18
C ASP A 42 15.65 -2.33 4.25
N GLY A 43 15.06 -3.00 5.25
CA GLY A 43 14.39 -2.34 6.36
C GLY A 43 12.86 -2.42 6.29
N PHE A 44 12.19 -2.33 7.42
CA PHE A 44 10.75 -2.04 7.39
C PHE A 44 10.57 -0.53 7.36
N GLY A 45 9.85 -0.06 6.34
CA GLY A 45 9.65 1.37 6.11
C GLY A 45 8.31 1.85 6.61
N ILE A 46 8.20 3.15 6.84
CA ILE A 46 7.06 3.70 7.61
C ILE A 46 5.79 3.50 6.85
N ASP A 47 5.81 3.66 5.53
CA ASP A 47 4.62 3.49 4.74
C ASP A 47 4.08 2.06 4.85
N THR A 48 4.96 1.08 4.74
CA THR A 48 4.54 -0.36 4.86
C THR A 48 3.98 -0.59 6.28
N CYS A 49 4.63 -0.03 7.31
CA CYS A 49 4.08 -0.19 8.67
C CYS A 49 2.75 0.52 8.89
N ARG A 50 2.50 1.66 8.21
CA ARG A 50 1.14 2.26 8.29
C ARG A 50 0.13 1.34 7.65
N SER A 51 0.52 0.75 6.53
CA SER A 51 -0.34 -0.16 5.84
C SER A 51 -0.66 -1.38 6.66
N MET A 52 0.35 -1.88 7.37
CA MET A 52 0.16 -3.09 8.18
C MET A 52 -0.78 -2.80 9.35
N VAL A 53 -0.56 -1.68 10.03
CA VAL A 53 -1.42 -1.27 11.12
C VAL A 53 -2.86 -1.13 10.66
N ALA A 54 -3.09 -0.43 9.54
CA ALA A 54 -4.46 -0.14 9.01
C ALA A 54 -5.22 -1.42 8.76
N VAL A 55 -4.55 -2.31 8.05
CA VAL A 55 -5.06 -3.63 7.77
C VAL A 55 -5.42 -4.40 9.03
N MET A 56 -4.67 -4.19 10.12
CA MET A 56 -4.88 -4.96 11.34
C MET A 56 -5.81 -4.27 12.38
N ASP A 57 -6.22 -3.03 12.12
CA ASP A 57 -6.84 -2.15 13.14
C ASP A 57 -8.36 -2.28 13.02
N SER A 58 -8.87 -3.46 13.36
CA SER A 58 -10.29 -3.80 13.26
C SER A 58 -11.26 -2.89 13.98
N ASP A 59 -10.85 -2.34 15.10
CA ASP A 59 -11.69 -1.47 15.88
C ASP A 59 -11.47 0.02 15.59
N THR A 60 -10.61 0.34 14.63
CA THR A 60 -10.39 1.71 14.09
C THR A 60 -9.98 2.81 15.08
N THR A 61 -9.16 2.44 16.03
CA THR A 61 -8.55 3.39 16.94
C THR A 61 -7.35 4.07 16.30
N GLY A 62 -7.00 3.60 15.09
CA GLY A 62 -5.79 4.03 14.41
C GLY A 62 -4.52 3.32 14.83
N LYS A 63 -4.61 2.48 15.86
CA LYS A 63 -3.42 1.78 16.36
C LYS A 63 -3.76 0.41 16.80
N LEU A 64 -2.73 -0.36 17.08
CA LEU A 64 -2.90 -1.73 17.45
C LEU A 64 -3.04 -1.97 18.95
N GLY A 65 -4.23 -2.39 19.35
CA GLY A 65 -4.41 -2.86 20.74
C GLY A 65 -3.77 -4.23 20.98
N PHE A 66 -3.84 -4.71 22.21
CA PHE A 66 -3.20 -5.98 22.64
C PHE A 66 -3.52 -7.15 21.74
N GLU A 67 -4.82 -7.42 21.49
CA GLU A 67 -5.25 -8.60 20.69
C GLU A 67 -4.89 -8.40 19.23
N GLU A 68 -5.00 -7.16 18.77
CA GLU A 68 -4.68 -6.86 17.42
C GLU A 68 -3.17 -7.08 17.19
N PHE A 69 -2.35 -6.56 18.09
CA PHE A 69 -0.92 -6.72 17.98
C PHE A 69 -0.47 -8.20 18.09
N LYS A 70 -1.03 -8.91 19.05
CA LYS A 70 -0.70 -10.31 19.25
C LYS A 70 -1.03 -11.12 17.97
N TYR A 71 -2.20 -10.88 17.40
CA TYR A 71 -2.59 -11.56 16.21
C TYR A 71 -1.50 -11.27 15.15
N LEU A 72 -1.12 -10.01 14.98
CA LEU A 72 -0.15 -9.71 13.91
C LEU A 72 1.21 -10.38 14.19
N TRP A 73 1.55 -10.46 15.44
CA TRP A 73 2.87 -10.89 15.86
C TRP A 73 3.03 -12.40 15.69
N ASN A 74 2.02 -13.16 16.11
CA ASN A 74 1.95 -14.57 15.85
C ASN A 74 1.98 -14.88 14.34
N ASN A 75 1.25 -14.17 13.49
CA ASN A 75 1.41 -14.44 12.06
C ASN A 75 2.84 -14.22 11.61
N ILE A 76 3.43 -13.08 11.99
CA ILE A 76 4.81 -12.77 11.58
C ILE A 76 5.79 -13.88 12.00
N LYS A 77 5.68 -14.44 13.20
CA LYS A 77 6.62 -15.51 13.58
C LYS A 77 6.38 -16.79 12.81
N ARG A 78 5.10 -17.09 12.53
CA ARG A 78 4.78 -18.28 11.70
C ARG A 78 5.43 -18.07 10.34
N TRP A 79 5.30 -16.86 9.81
CA TRP A 79 5.73 -16.59 8.45
C TRP A 79 7.23 -16.47 8.33
N GLN A 80 7.91 -15.92 9.32
CA GLN A 80 9.36 -15.92 9.21
C GLN A 80 9.88 -17.31 9.31
N ALA A 81 9.25 -18.18 10.11
CA ALA A 81 9.68 -19.59 10.18
C ALA A 81 9.52 -20.21 8.77
N ILE A 82 8.46 -19.82 8.06
CA ILE A 82 8.19 -20.34 6.70
C ILE A 82 9.16 -19.78 5.69
N TYR A 83 9.44 -18.50 5.77
CA TYR A 83 10.47 -17.87 4.98
C TYR A 83 11.79 -18.60 5.10
N LYS A 84 12.19 -18.96 6.32
CA LYS A 84 13.55 -19.50 6.51
C LYS A 84 13.56 -20.89 5.95
N GLN A 85 12.48 -21.58 6.20
CA GLN A 85 12.34 -22.91 5.73
C GLN A 85 12.29 -22.98 4.19
N PHE A 86 11.65 -22.06 3.51
CA PHE A 86 11.51 -22.26 2.05
C PHE A 86 12.59 -21.59 1.23
N ASP A 87 13.56 -20.99 1.91
CA ASP A 87 14.72 -20.42 1.27
C ASP A 87 15.77 -21.54 1.09
N THR A 88 15.44 -22.50 0.25
CA THR A 88 16.24 -23.71 0.14
C THR A 88 17.69 -23.40 -0.23
N ASP A 89 17.92 -22.40 -1.07
CA ASP A 89 19.30 -22.04 -1.42
C ASP A 89 19.99 -21.11 -0.42
N ARG A 90 19.38 -20.85 0.74
CA ARG A 90 20.00 -19.99 1.76
C ARG A 90 20.38 -18.57 1.28
N SER A 91 19.59 -17.97 0.39
CA SER A 91 20.00 -16.71 -0.20
C SER A 91 19.60 -15.59 0.72
N GLY A 92 18.80 -15.91 1.73
CA GLY A 92 18.22 -14.92 2.61
C GLY A 92 17.05 -14.15 1.99
N THR A 93 16.56 -14.66 0.85
CA THR A 93 15.48 -14.06 0.06
C THR A 93 14.70 -15.16 -0.61
N ILE A 94 13.47 -14.88 -0.97
CA ILE A 94 12.60 -15.89 -1.58
C ILE A 94 12.47 -15.66 -3.06
N CYS A 95 13.00 -16.59 -3.85
CA CYS A 95 12.87 -16.45 -5.33
C CYS A 95 11.51 -16.98 -5.90
N SER A 96 11.30 -16.78 -7.20
CA SER A 96 10.02 -17.11 -7.80
C SER A 96 9.74 -18.59 -7.69
N SER A 97 10.77 -19.40 -7.76
CA SER A 97 10.58 -20.84 -7.75
C SER A 97 10.28 -21.27 -6.32
N GLU A 98 10.91 -20.62 -5.33
CA GLU A 98 10.66 -20.95 -3.89
C GLU A 98 9.35 -20.43 -3.35
N LEU A 99 8.76 -19.46 -4.05
CA LEU A 99 7.64 -18.70 -3.53
C LEU A 99 6.37 -19.54 -3.35
N PRO A 100 5.99 -20.35 -4.38
CA PRO A 100 4.73 -21.09 -4.29
C PRO A 100 4.73 -22.02 -3.12
N GLY A 101 5.87 -22.59 -2.79
CA GLY A 101 5.95 -23.53 -1.69
C GLY A 101 5.63 -22.81 -0.39
N ALA A 102 6.21 -21.63 -0.28
CA ALA A 102 6.06 -20.82 0.94
C ALA A 102 4.61 -20.38 1.09
N PHE A 103 4.00 -19.84 0.04
CA PHE A 103 2.60 -19.42 0.14
C PHE A 103 1.67 -20.62 0.36
N GLU A 104 2.03 -21.75 -0.23
CA GLU A 104 1.32 -22.99 0.01
C GLU A 104 1.38 -23.35 1.53
N ALA A 105 2.58 -23.32 2.10
CA ALA A 105 2.71 -23.59 3.55
C ALA A 105 2.12 -22.50 4.47
N ALA A 106 1.92 -21.28 3.97
CA ALA A 106 1.06 -20.32 4.70
C ALA A 106 -0.43 -20.55 4.35
N GLY A 107 -0.69 -21.53 3.51
CA GLY A 107 -2.04 -21.97 3.27
C GLY A 107 -2.78 -21.16 2.24
N PHE A 108 -2.06 -20.43 1.38
CA PHE A 108 -2.68 -19.72 0.24
C PHE A 108 -2.47 -20.50 -1.07
N HIS A 109 -3.51 -20.64 -1.89
CA HIS A 109 -3.38 -21.35 -3.18
C HIS A 109 -3.92 -20.49 -4.26
N LEU A 110 -3.03 -19.81 -4.98
CA LEU A 110 -3.40 -18.79 -5.94
C LEU A 110 -3.05 -19.26 -7.34
N ASN A 111 -3.81 -18.79 -8.31
CA ASN A 111 -3.45 -19.09 -9.63
C ASN A 111 -2.22 -18.33 -10.10
N GLU A 112 -1.65 -18.86 -11.17
CA GLU A 112 -0.47 -18.34 -11.84
C GLU A 112 -0.50 -16.85 -12.10
N HIS A 113 -1.64 -16.37 -12.54
CA HIS A 113 -1.78 -14.97 -12.82
C HIS A 113 -1.69 -14.09 -11.56
N LEU A 114 -2.24 -14.56 -10.46
CA LEU A 114 -2.14 -13.80 -9.27
C LEU A 114 -0.70 -13.86 -8.80
N TYR A 115 -0.01 -14.99 -8.92
CA TYR A 115 1.39 -15.03 -8.58
C TYR A 115 2.20 -14.04 -9.37
N ASN A 116 1.96 -13.96 -10.65
CA ASN A 116 2.73 -13.07 -11.47
C ASN A 116 2.58 -11.64 -10.98
N MET A 117 1.36 -11.25 -10.66
CA MET A 117 1.15 -9.90 -10.16
C MET A 117 1.94 -9.63 -8.86
N ILE A 118 1.76 -10.50 -7.90
CA ILE A 118 2.48 -10.44 -6.66
C ILE A 118 4.00 -10.36 -6.84
N ILE A 119 4.53 -11.19 -7.71
CA ILE A 119 5.99 -11.10 -8.00
C ILE A 119 6.37 -9.74 -8.61
N ARG A 120 5.57 -9.21 -9.50
CA ARG A 120 5.89 -7.91 -10.05
C ARG A 120 5.75 -6.79 -9.02
N ARG A 121 4.83 -6.93 -8.08
CA ARG A 121 4.62 -5.93 -7.09
C ARG A 121 5.66 -6.03 -5.93
N TYR A 122 6.17 -7.20 -5.58
CA TYR A 122 6.93 -7.36 -4.35
C TYR A 122 8.38 -7.87 -4.50
N SER A 123 8.68 -8.49 -5.64
CA SER A 123 9.99 -9.07 -5.89
C SER A 123 10.81 -8.16 -6.74
N ASP A 124 12.11 -8.44 -6.79
CA ASP A 124 13.06 -7.55 -7.44
C ASP A 124 13.17 -8.00 -8.88
N GLU A 125 14.06 -7.42 -9.64
CA GLU A 125 14.15 -7.72 -11.07
C GLU A 125 14.61 -9.13 -11.41
N SER A 126 15.19 -9.85 -10.47
CA SER A 126 15.53 -11.28 -10.69
C SER A 126 14.47 -12.25 -10.11
N GLY A 127 13.32 -11.72 -9.71
CA GLY A 127 12.25 -12.54 -9.13
C GLY A 127 12.50 -12.81 -7.66
N ASN A 128 13.44 -12.08 -7.05
CA ASN A 128 13.79 -12.30 -5.64
C ASN A 128 13.03 -11.34 -4.74
N MET A 129 12.51 -11.90 -3.63
CA MET A 129 11.71 -11.16 -2.64
C MET A 129 12.43 -11.18 -1.28
N ASP A 130 12.53 -10.02 -0.66
CA ASP A 130 13.21 -9.90 0.60
C ASP A 130 12.17 -9.92 1.75
N PHE A 131 12.67 -9.96 2.99
CA PHE A 131 11.85 -10.30 4.13
C PHE A 131 10.79 -9.28 4.39
N ASP A 132 11.13 -7.98 4.45
CA ASP A 132 10.06 -7.00 4.70
C ASP A 132 8.97 -7.08 3.64
N ASN A 133 9.32 -7.29 2.38
CA ASN A 133 8.35 -7.34 1.29
C ASN A 133 7.53 -8.59 1.42
N PHE A 134 8.15 -9.69 1.82
CA PHE A 134 7.37 -10.91 2.00
C PHE A 134 6.33 -10.77 3.09
N ILE A 135 6.75 -10.25 4.24
CA ILE A 135 5.91 -10.12 5.38
C ILE A 135 4.81 -9.17 5.02
N SER A 136 5.16 -8.07 4.37
CA SER A 136 4.15 -7.09 4.00
C SER A 136 3.11 -7.70 2.99
N CYS A 137 3.58 -8.50 2.06
CA CYS A 137 2.70 -9.13 1.11
C CYS A 137 1.70 -10.04 1.84
N LEU A 138 2.23 -10.88 2.71
CA LEU A 138 1.37 -11.84 3.40
C LEU A 138 0.40 -11.24 4.39
N VAL A 139 0.79 -10.23 5.15
CA VAL A 139 -0.14 -9.55 6.01
C VAL A 139 -1.35 -9.03 5.20
N ARG A 140 -1.04 -8.38 4.09
CA ARG A 140 -2.05 -7.86 3.25
C ARG A 140 -2.90 -9.00 2.62
N LEU A 141 -2.25 -10.02 2.09
CA LEU A 141 -2.99 -11.12 1.45
C LEU A 141 -4.00 -11.79 2.44
N ASP A 142 -3.48 -12.18 3.57
CA ASP A 142 -4.28 -12.70 4.65
C ASP A 142 -5.48 -11.78 5.03
N ALA A 143 -5.21 -10.50 5.22
CA ALA A 143 -6.28 -9.60 5.56
C ALA A 143 -7.33 -9.46 4.43
N MET A 144 -6.93 -9.50 3.16
CA MET A 144 -7.85 -9.37 2.08
C MET A 144 -8.69 -10.61 1.96
N PHE A 145 -8.12 -11.76 2.24
CA PHE A 145 -8.92 -12.95 2.35
C PHE A 145 -9.94 -12.87 3.46
N ARG A 146 -9.49 -12.48 4.66
CA ARG A 146 -10.40 -12.44 5.76
C ARG A 146 -11.52 -11.39 5.58
N ALA A 147 -11.19 -10.25 4.98
CA ALA A 147 -12.21 -9.22 4.66
C ALA A 147 -13.25 -9.76 3.70
N PHE A 148 -12.78 -10.41 2.64
CA PHE A 148 -13.72 -11.02 1.70
C PHE A 148 -14.58 -12.13 2.28
N LYS A 149 -13.99 -13.09 2.95
CA LYS A 149 -14.74 -14.14 3.60
C LYS A 149 -15.75 -13.62 4.60
N SER A 150 -15.40 -12.57 5.30
CA SER A 150 -16.29 -12.01 6.27
C SER A 150 -17.58 -11.53 5.64
N LEU A 151 -17.48 -10.98 4.43
CA LEU A 151 -18.61 -10.52 3.64
C LEU A 151 -19.25 -11.59 2.74
N ASP A 152 -18.77 -12.83 2.77
CA ASP A 152 -19.31 -13.90 1.91
C ASP A 152 -19.42 -15.14 2.78
N LYS A 153 -20.18 -14.99 3.86
CA LYS A 153 -20.35 -16.03 4.87
C LYS A 153 -20.75 -17.40 4.22
N ASP A 154 -21.54 -17.27 3.16
CA ASP A 154 -22.20 -18.36 2.46
C ASP A 154 -21.36 -18.91 1.28
N GLY A 155 -20.14 -18.43 1.13
CA GLY A 155 -19.22 -19.00 0.12
C GLY A 155 -19.77 -18.98 -1.32
N THR A 156 -20.38 -17.85 -1.71
CA THR A 156 -20.82 -17.69 -3.07
C THR A 156 -19.71 -17.34 -3.98
N GLY A 157 -18.57 -16.88 -3.45
CA GLY A 157 -17.46 -16.42 -4.24
C GLY A 157 -17.62 -15.02 -4.71
N GLN A 158 -18.64 -14.32 -4.22
CA GLN A 158 -18.93 -12.91 -4.65
C GLN A 158 -19.39 -12.12 -3.48
N ILE A 159 -19.06 -10.83 -3.45
CA ILE A 159 -19.67 -9.88 -2.48
C ILE A 159 -20.29 -8.71 -3.26
N GLN A 160 -21.23 -8.03 -2.66
CA GLN A 160 -21.88 -6.94 -3.34
C GLN A 160 -21.63 -5.73 -2.50
N VAL A 161 -21.14 -4.66 -3.09
CA VAL A 161 -20.86 -3.46 -2.32
C VAL A 161 -21.22 -2.14 -3.02
N ASN A 162 -21.55 -1.11 -2.25
CA ASN A 162 -21.67 0.21 -2.79
C ASN A 162 -20.35 0.97 -2.68
N ILE A 163 -20.33 2.24 -3.10
CA ILE A 163 -19.05 2.94 -3.27
C ILE A 163 -18.37 3.23 -1.91
N GLN A 164 -19.18 3.62 -0.95
CA GLN A 164 -18.69 3.86 0.38
C GLN A 164 -18.03 2.57 0.93
N GLU A 165 -18.65 1.42 0.73
CA GLU A 165 -18.18 0.17 1.23
C GLU A 165 -16.90 -0.23 0.56
N TRP A 166 -16.89 -0.04 -0.76
CA TRP A 166 -15.76 -0.35 -1.57
C TRP A 166 -14.54 0.49 -1.14
N LEU A 167 -14.74 1.79 -0.87
CA LEU A 167 -13.67 2.65 -0.55
C LEU A 167 -13.13 2.33 0.81
N GLN A 168 -14.02 2.12 1.78
CA GLN A 168 -13.61 1.60 3.10
C GLN A 168 -12.69 0.35 2.97
N LEU A 169 -13.03 -0.55 2.03
CA LEU A 169 -12.40 -1.83 2.01
C LEU A 169 -11.08 -1.80 1.31
N THR A 170 -10.94 -0.91 0.31
CA THR A 170 -9.76 -0.88 -0.52
C THR A 170 -8.77 0.25 -0.17
N MET A 171 -9.21 1.29 0.55
CA MET A 171 -8.39 2.42 0.99
C MET A 171 -7.93 2.41 2.44
N TYR A 172 -8.74 1.85 3.37
CA TYR A 172 -8.28 1.59 4.70
C TYR A 172 -7.50 0.24 4.75
N SER A 173 -6.48 0.23 3.94
CA SER A 173 -5.68 -0.90 3.78
C SER A 173 -4.39 -0.24 3.32
N GLU B 1 4.41 19.89 -29.93
CA GLU B 1 4.02 21.13 -29.19
C GLU B 1 3.73 20.81 -27.69
N GLU B 2 2.45 20.58 -27.40
CA GLU B 2 1.96 19.92 -26.17
C GLU B 2 2.81 18.68 -25.87
N VAL B 3 2.67 17.68 -26.75
CA VAL B 3 3.14 16.32 -26.49
C VAL B 3 4.54 16.01 -27.10
N ARG B 4 5.21 17.03 -27.65
CA ARG B 4 6.62 16.92 -28.00
C ARG B 4 7.46 17.17 -26.72
N GLN B 5 7.10 18.16 -25.93
CA GLN B 5 7.72 18.26 -24.64
C GLN B 5 7.61 16.93 -23.92
N PHE B 6 6.37 16.46 -23.87
CA PHE B 6 6.07 15.36 -23.03
C PHE B 6 6.59 14.00 -23.58
N ARG B 7 6.63 13.88 -24.90
CA ARG B 7 7.04 12.67 -25.57
C ARG B 7 8.50 12.47 -25.26
N ARG B 8 9.26 13.57 -25.32
CA ARG B 8 10.64 13.61 -24.84
C ARG B 8 10.86 13.27 -23.32
N LEU B 9 10.09 13.88 -22.44
CA LEU B 9 10.27 13.57 -21.05
C LEU B 9 10.07 12.08 -20.89
N PHE B 10 9.08 11.51 -21.58
CA PHE B 10 8.79 10.11 -21.35
C PHE B 10 9.90 9.25 -21.85
N ALA B 11 10.53 9.63 -22.98
CA ALA B 11 11.51 8.79 -23.58
C ALA B 11 12.75 8.77 -22.73
N GLN B 12 13.23 9.96 -22.39
CA GLN B 12 14.35 10.09 -21.42
C GLN B 12 14.06 9.37 -20.08
N LEU B 13 12.84 9.36 -19.61
CA LEU B 13 12.58 8.89 -18.25
C LEU B 13 12.55 7.33 -18.30
N ALA B 14 11.91 6.80 -19.34
CA ALA B 14 11.72 5.38 -19.51
C ALA B 14 12.97 4.65 -19.98
N GLY B 15 13.87 5.31 -20.70
CA GLY B 15 15.11 4.67 -21.03
C GLY B 15 15.02 3.39 -21.84
N ASP B 16 15.95 2.49 -21.57
CA ASP B 16 16.30 1.37 -22.47
C ASP B 16 15.20 0.36 -22.75
N ASP B 17 14.30 0.18 -21.81
CA ASP B 17 13.20 -0.73 -22.04
C ASP B 17 11.91 0.05 -22.39
N MET B 18 11.99 1.37 -22.47
CA MET B 18 10.84 2.18 -22.90
C MET B 18 9.62 2.10 -22.05
N GLU B 19 9.80 1.75 -20.79
CA GLU B 19 8.71 1.85 -19.84
C GLU B 19 9.31 2.37 -18.54
N VAL B 20 8.44 2.98 -17.76
CA VAL B 20 8.82 3.67 -16.50
C VAL B 20 8.64 2.72 -15.36
N SER B 21 9.76 2.37 -14.72
CA SER B 21 9.72 1.55 -13.53
C SER B 21 9.36 2.37 -12.31
N ALA B 22 9.09 1.64 -11.24
CA ALA B 22 8.91 2.18 -9.90
C ALA B 22 10.10 2.99 -9.48
N THR B 23 11.32 2.49 -9.69
CA THR B 23 12.48 3.30 -9.40
C THR B 23 12.66 4.56 -10.24
N GLU B 24 12.41 4.49 -11.52
CA GLU B 24 12.54 5.62 -12.39
C GLU B 24 11.51 6.69 -11.99
N LEU B 25 10.33 6.26 -11.62
CA LEU B 25 9.27 7.14 -11.18
C LEU B 25 9.60 7.82 -9.87
N MET B 26 10.09 7.03 -8.94
CA MET B 26 10.58 7.50 -7.63
C MET B 26 11.59 8.61 -7.80
N ASN B 27 12.58 8.34 -8.60
CA ASN B 27 13.65 9.31 -8.81
C ASN B 27 13.10 10.60 -9.47
N ILE B 28 12.24 10.51 -10.48
CA ILE B 28 11.77 11.77 -11.08
C ILE B 28 10.89 12.62 -10.14
N LEU B 29 10.08 11.95 -9.38
CA LEU B 29 9.22 12.63 -8.48
C LEU B 29 10.06 13.30 -7.37
N ASN B 30 11.02 12.60 -6.78
CA ASN B 30 11.93 13.25 -5.81
C ASN B 30 12.70 14.38 -6.48
N LYS B 31 13.16 14.22 -7.72
CA LYS B 31 13.77 15.35 -8.42
C LYS B 31 12.83 16.54 -8.46
N VAL B 32 11.56 16.31 -8.81
CA VAL B 32 10.67 17.42 -8.99
C VAL B 32 10.40 18.06 -7.65
N VAL B 33 10.11 17.30 -6.61
CA VAL B 33 9.80 17.96 -5.36
C VAL B 33 10.95 18.76 -4.76
N THR B 34 12.19 18.35 -5.00
CA THR B 34 13.35 19.16 -4.69
C THR B 34 13.16 20.61 -5.15
N ARG B 35 12.42 20.84 -6.21
CA ARG B 35 12.35 22.17 -6.74
C ARG B 35 11.20 22.94 -6.15
N HIS B 36 10.37 22.31 -5.31
CA HIS B 36 9.22 23.01 -4.72
C HIS B 36 9.34 23.05 -3.19
N PRO B 37 9.97 24.08 -2.65
CA PRO B 37 10.18 24.05 -1.17
C PRO B 37 8.91 24.24 -0.38
N ASP B 38 7.80 24.40 -1.06
CA ASP B 38 6.55 24.56 -0.42
C ASP B 38 5.86 23.24 -0.31
N LEU B 39 6.46 22.19 -0.83
CA LEU B 39 5.92 20.84 -0.58
C LEU B 39 6.79 20.13 0.46
N LYS B 40 6.27 19.96 1.67
CA LYS B 40 6.97 19.17 2.64
C LYS B 40 6.75 17.70 2.30
N THR B 41 7.82 16.95 2.31
CA THR B 41 7.78 15.54 2.16
C THR B 41 8.98 14.99 2.84
N ASP B 42 8.86 13.78 3.32
CA ASP B 42 10.03 13.01 3.62
C ASP B 42 10.51 12.17 2.37
N GLY B 43 10.05 12.45 1.15
CA GLY B 43 10.50 11.70 -0.07
C GLY B 43 9.49 10.62 -0.48
N PHE B 44 9.41 10.36 -1.79
CA PHE B 44 8.71 9.24 -2.31
C PHE B 44 9.56 8.03 -2.09
N GLY B 45 9.08 7.07 -1.29
CA GLY B 45 9.88 5.85 -1.02
C GLY B 45 9.50 4.79 -2.09
N ILE B 46 10.33 3.77 -2.14
CA ILE B 46 10.24 2.78 -3.19
C ILE B 46 8.93 2.01 -3.10
N ASP B 47 8.45 1.64 -1.91
CA ASP B 47 7.30 0.81 -1.86
C ASP B 47 6.00 1.57 -2.22
N THR B 48 5.89 2.82 -1.79
CA THR B 48 4.90 3.74 -2.36
C THR B 48 4.96 3.90 -3.91
N CYS B 49 6.13 3.96 -4.49
CA CYS B 49 6.15 4.05 -5.97
C CYS B 49 5.78 2.70 -6.61
N ARG B 50 6.16 1.55 -6.01
CA ARG B 50 5.75 0.25 -6.56
C ARG B 50 4.22 0.11 -6.53
N SER B 51 3.62 0.69 -5.50
CA SER B 51 2.23 0.63 -5.38
C SER B 51 1.50 1.58 -6.38
N MET B 52 2.08 2.73 -6.69
CA MET B 52 1.52 3.60 -7.69
C MET B 52 1.66 2.99 -9.05
N VAL B 53 2.80 2.33 -9.31
CA VAL B 53 3.00 1.72 -10.64
C VAL B 53 1.95 0.58 -10.84
N ALA B 54 1.77 -0.28 -9.82
CA ALA B 54 0.91 -1.46 -9.86
C ALA B 54 -0.53 -1.01 -10.12
N VAL B 55 -0.98 -0.03 -9.38
CA VAL B 55 -2.33 0.42 -9.50
C VAL B 55 -2.60 1.08 -10.86
N MET B 56 -1.57 1.68 -11.48
CA MET B 56 -1.63 2.19 -12.90
C MET B 56 -1.20 1.22 -14.01
N ASP B 57 -0.69 0.04 -13.68
CA ASP B 57 -0.20 -0.87 -14.69
C ASP B 57 -1.34 -1.76 -15.19
N SER B 58 -2.32 -1.16 -15.83
CA SER B 58 -3.41 -1.84 -16.48
C SER B 58 -3.16 -2.98 -17.40
N ASP B 59 -2.22 -2.88 -18.36
CA ASP B 59 -1.85 -4.05 -19.17
C ASP B 59 -0.95 -5.08 -18.42
N THR B 60 -0.69 -4.85 -17.14
CA THR B 60 0.23 -5.67 -16.31
C THR B 60 1.60 -6.04 -16.91
N THR B 61 2.23 -5.10 -17.60
CA THR B 61 3.58 -5.34 -18.03
C THR B 61 4.59 -5.23 -16.86
N GLY B 62 4.14 -4.83 -15.67
CA GLY B 62 5.05 -4.51 -14.54
C GLY B 62 5.48 -3.06 -14.47
N LYS B 63 5.40 -2.34 -15.60
CA LYS B 63 5.89 -1.00 -15.70
C LYS B 63 4.92 -0.10 -16.49
N LEU B 64 5.17 1.20 -16.45
CA LEU B 64 4.26 2.16 -17.09
C LEU B 64 4.68 2.52 -18.49
N GLY B 65 3.86 2.18 -19.47
CA GLY B 65 4.11 2.60 -20.86
C GLY B 65 3.60 4.05 -21.01
N PHE B 66 3.51 4.54 -22.24
CA PHE B 66 3.42 5.98 -22.50
C PHE B 66 2.06 6.47 -21.96
N GLU B 67 1.00 5.75 -22.26
CA GLU B 67 -0.32 6.22 -21.91
C GLU B 67 -0.58 6.09 -20.45
N GLU B 68 -0.13 5.02 -19.83
CA GLU B 68 -0.33 4.85 -18.41
C GLU B 68 0.40 5.97 -17.71
N PHE B 69 1.64 6.23 -18.13
CA PHE B 69 2.44 7.24 -17.46
C PHE B 69 1.87 8.66 -17.69
N LYS B 70 1.43 8.96 -18.89
CA LYS B 70 0.81 10.22 -19.18
C LYS B 70 -0.40 10.46 -18.30
N TYR B 71 -1.29 9.47 -18.18
CA TYR B 71 -2.45 9.59 -17.28
C TYR B 71 -1.99 9.94 -15.84
N LEU B 72 -0.99 9.24 -15.33
CA LEU B 72 -0.50 9.46 -13.94
C LEU B 72 0.08 10.87 -13.73
N TRP B 73 0.92 11.26 -14.67
CA TRP B 73 1.73 12.47 -14.56
C TRP B 73 0.82 13.69 -14.70
N ASN B 74 -0.13 13.63 -15.60
CA ASN B 74 -1.14 14.75 -15.67
C ASN B 74 -2.00 14.85 -14.41
N ASN B 75 -2.38 13.75 -13.81
CA ASN B 75 -3.04 13.81 -12.52
C ASN B 75 -2.13 14.45 -11.46
N ILE B 76 -0.93 13.95 -11.32
CA ILE B 76 -0.02 14.47 -10.35
C ILE B 76 0.18 15.95 -10.47
N LYS B 77 0.32 16.42 -11.71
CA LYS B 77 0.38 17.79 -12.03
C LYS B 77 -0.86 18.57 -11.53
N ARG B 78 -2.08 18.10 -11.84
CA ARG B 78 -3.31 18.77 -11.35
C ARG B 78 -3.30 18.69 -9.82
N TRP B 79 -2.89 17.58 -9.28
CA TRP B 79 -3.04 17.44 -7.80
C TRP B 79 -2.07 18.24 -6.96
N GLN B 80 -0.90 18.48 -7.49
CA GLN B 80 0.11 19.34 -6.87
C GLN B 80 -0.37 20.79 -6.78
N ALA B 81 -1.05 21.28 -7.81
CA ALA B 81 -1.53 22.65 -7.78
C ALA B 81 -2.61 22.78 -6.67
N ILE B 82 -3.42 21.78 -6.59
CA ILE B 82 -4.49 21.67 -5.55
C ILE B 82 -3.88 21.60 -4.17
N TYR B 83 -2.86 20.77 -3.98
CA TYR B 83 -2.21 20.71 -2.68
C TYR B 83 -1.70 22.12 -2.25
N LYS B 84 -1.01 22.83 -3.18
CA LYS B 84 -0.50 24.14 -2.86
C LYS B 84 -1.63 25.08 -2.61
N GLN B 85 -2.68 24.91 -3.36
CA GLN B 85 -3.76 25.88 -3.27
C GLN B 85 -4.55 25.74 -1.98
N PHE B 86 -4.69 24.51 -1.49
CA PHE B 86 -5.51 24.25 -0.31
C PHE B 86 -4.69 24.19 0.99
N ASP B 87 -3.35 24.30 0.87
CA ASP B 87 -2.49 24.45 2.03
C ASP B 87 -2.56 25.90 2.48
N THR B 88 -3.72 26.29 3.00
CA THR B 88 -3.97 27.72 3.16
C THR B 88 -3.29 28.34 4.34
N ASP B 89 -2.48 27.57 5.08
CA ASP B 89 -1.59 28.20 6.09
C ASP B 89 -0.16 28.03 5.81
N ARG B 90 0.17 27.55 4.60
CA ARG B 90 1.56 27.27 4.23
C ARG B 90 2.38 26.38 5.23
N SER B 91 1.78 25.32 5.74
CA SER B 91 2.48 24.37 6.59
C SER B 91 3.39 23.51 5.70
N GLY B 92 3.16 23.56 4.40
CA GLY B 92 3.71 22.56 3.51
C GLY B 92 3.00 21.21 3.60
N THR B 93 1.87 21.14 4.33
CA THR B 93 1.14 19.94 4.55
C THR B 93 -0.32 20.22 4.56
N ILE B 94 -1.10 19.20 4.28
CA ILE B 94 -2.54 19.30 4.30
C ILE B 94 -3.11 18.64 5.57
N CYS B 95 -3.78 19.41 6.42
CA CYS B 95 -4.28 18.95 7.69
C CYS B 95 -5.71 18.59 7.51
N SER B 96 -6.29 18.04 8.57
CA SER B 96 -7.65 17.51 8.53
C SER B 96 -8.67 18.51 8.08
N SER B 97 -8.57 19.76 8.47
CA SER B 97 -9.59 20.75 8.03
C SER B 97 -9.31 21.23 6.59
N GLU B 98 -8.09 21.08 6.07
CA GLU B 98 -7.87 21.42 4.67
C GLU B 98 -8.21 20.29 3.74
N LEU B 99 -8.26 19.07 4.26
CA LEU B 99 -8.28 17.97 3.36
C LEU B 99 -9.60 17.85 2.48
N PRO B 100 -10.76 18.05 3.08
CA PRO B 100 -12.01 17.98 2.29
C PRO B 100 -12.02 18.90 1.07
N GLY B 101 -11.64 20.16 1.26
CA GLY B 101 -11.64 21.13 0.19
C GLY B 101 -10.73 20.68 -0.94
N ALA B 102 -9.58 20.13 -0.54
CA ALA B 102 -8.61 19.68 -1.52
C ALA B 102 -9.17 18.50 -2.31
N PHE B 103 -9.73 17.52 -1.62
CA PHE B 103 -10.23 16.33 -2.28
C PHE B 103 -11.41 16.69 -3.13
N GLU B 104 -12.26 17.57 -2.67
CA GLU B 104 -13.41 17.79 -3.53
C GLU B 104 -13.03 18.58 -4.82
N ALA B 105 -11.94 19.34 -4.73
CA ALA B 105 -11.39 20.06 -5.84
C ALA B 105 -10.82 19.16 -6.88
N ALA B 106 -10.31 18.03 -6.45
CA ALA B 106 -9.92 17.01 -7.35
C ALA B 106 -11.10 16.13 -7.78
N GLY B 107 -12.32 16.44 -7.39
CA GLY B 107 -13.51 15.77 -7.91
C GLY B 107 -13.95 14.59 -7.04
N PHE B 108 -13.47 14.50 -5.79
CA PHE B 108 -13.83 13.38 -4.87
C PHE B 108 -14.63 13.96 -3.73
N HIS B 109 -15.95 13.79 -3.75
CA HIS B 109 -16.78 14.17 -2.63
C HIS B 109 -17.05 12.97 -1.69
N LEU B 110 -16.31 12.92 -0.60
CA LEU B 110 -16.39 11.77 0.29
C LEU B 110 -17.28 12.26 1.41
N ASN B 111 -17.58 11.44 2.40
CA ASN B 111 -18.32 11.94 3.51
C ASN B 111 -17.35 11.97 4.66
N GLU B 112 -17.81 12.48 5.79
CA GLU B 112 -17.02 12.60 7.02
C GLU B 112 -16.38 11.23 7.47
N HIS B 113 -17.15 10.17 7.49
CA HIS B 113 -16.60 8.90 7.91
C HIS B 113 -15.37 8.53 7.08
N LEU B 114 -15.50 8.69 5.78
CA LEU B 114 -14.42 8.41 4.84
C LEU B 114 -13.24 9.37 4.97
N TYR B 115 -13.48 10.67 5.09
CA TYR B 115 -12.42 11.58 5.37
C TYR B 115 -11.60 11.15 6.60
N ASN B 116 -12.29 10.81 7.66
CA ASN B 116 -11.64 10.41 8.90
C ASN B 116 -10.86 9.16 8.71
N MET B 117 -11.42 8.26 7.91
CA MET B 117 -10.69 7.04 7.58
C MET B 117 -9.39 7.27 6.79
N ILE B 118 -9.46 8.10 5.77
CA ILE B 118 -8.29 8.54 5.08
C ILE B 118 -7.24 9.16 5.95
N ILE B 119 -7.64 10.06 6.82
CA ILE B 119 -6.67 10.72 7.72
C ILE B 119 -6.05 9.71 8.67
N ARG B 120 -6.86 8.81 9.19
CA ARG B 120 -6.29 7.75 9.99
C ARG B 120 -5.23 6.94 9.24
N ARG B 121 -5.47 6.65 7.99
CA ARG B 121 -4.50 5.82 7.27
C ARG B 121 -3.37 6.60 6.61
N TYR B 122 -3.56 7.86 6.21
CA TYR B 122 -2.52 8.54 5.48
C TYR B 122 -1.85 9.72 6.19
N SER B 123 -2.36 10.13 7.33
CA SER B 123 -1.88 11.33 7.93
C SER B 123 -1.19 10.89 9.17
N ASP B 124 -0.36 11.77 9.71
CA ASP B 124 0.50 11.45 10.84
C ASP B 124 -0.28 11.63 12.12
N GLU B 125 0.38 11.50 13.25
CA GLU B 125 -0.34 11.52 14.49
C GLU B 125 -1.00 12.92 14.75
N SER B 126 -0.47 14.00 14.19
CA SER B 126 -1.13 15.32 14.35
C SER B 126 -2.28 15.52 13.35
N GLY B 127 -2.40 14.62 12.37
CA GLY B 127 -3.50 14.65 11.38
C GLY B 127 -3.07 15.51 10.18
N ASN B 128 -1.75 15.58 9.97
CA ASN B 128 -1.16 16.22 8.82
C ASN B 128 -0.72 15.28 7.77
N MET B 129 -0.90 15.66 6.52
CA MET B 129 -0.54 14.82 5.40
C MET B 129 0.44 15.58 4.51
N ASP B 130 1.58 14.91 4.25
CA ASP B 130 2.66 15.46 3.48
C ASP B 130 2.44 15.07 2.05
N PHE B 131 3.29 15.56 1.18
CA PHE B 131 2.97 15.60 -0.24
C PHE B 131 2.98 14.22 -0.87
N ASP B 132 4.00 13.42 -0.55
CA ASP B 132 4.02 12.08 -1.07
C ASP B 132 2.80 11.31 -0.58
N ASN B 133 2.41 11.47 0.69
CA ASN B 133 1.28 10.67 1.19
C ASN B 133 0.00 11.10 0.48
N PHE B 134 -0.18 12.41 0.37
CA PHE B 134 -1.27 12.96 -0.48
C PHE B 134 -1.35 12.39 -1.90
N ILE B 135 -0.24 12.40 -2.63
CA ILE B 135 -0.29 11.92 -4.02
C ILE B 135 -0.58 10.43 -4.07
N SER B 136 0.02 9.72 -3.15
CA SER B 136 -0.16 8.28 -3.22
C SER B 136 -1.64 7.86 -2.81
N CYS B 137 -2.26 8.62 -1.92
CA CYS B 137 -3.65 8.43 -1.59
C CYS B 137 -4.53 8.71 -2.82
N LEU B 138 -4.32 9.85 -3.42
CA LEU B 138 -5.09 10.22 -4.58
C LEU B 138 -4.98 9.28 -5.75
N VAL B 139 -3.82 8.76 -6.01
CA VAL B 139 -3.66 7.87 -7.12
C VAL B 139 -4.56 6.66 -6.87
N ARG B 140 -4.53 6.21 -5.63
CA ARG B 140 -5.27 5.04 -5.28
C ARG B 140 -6.78 5.28 -5.32
N LEU B 141 -7.19 6.37 -4.72
CA LEU B 141 -8.59 6.77 -4.65
C LEU B 141 -9.17 6.86 -6.07
N ASP B 142 -8.49 7.65 -6.92
CA ASP B 142 -8.77 7.70 -8.32
C ASP B 142 -8.85 6.29 -8.91
N ALA B 143 -7.87 5.38 -8.64
CA ALA B 143 -7.97 4.05 -9.28
C ALA B 143 -9.15 3.28 -8.77
N MET B 144 -9.51 3.44 -7.49
CA MET B 144 -10.58 2.63 -6.92
C MET B 144 -11.90 3.16 -7.36
N PHE B 145 -12.04 4.47 -7.49
CA PHE B 145 -13.23 4.97 -8.21
C PHE B 145 -13.40 4.42 -9.63
N ARG B 146 -12.32 4.35 -10.37
CA ARG B 146 -12.40 3.97 -11.74
C ARG B 146 -12.62 2.41 -11.78
N ALA B 147 -12.11 1.68 -10.82
CA ALA B 147 -12.41 0.24 -10.83
C ALA B 147 -13.90 -0.04 -10.47
N PHE B 148 -14.48 0.79 -9.62
CA PHE B 148 -15.89 0.67 -9.30
C PHE B 148 -16.78 0.94 -10.52
N LYS B 149 -16.50 2.05 -11.14
CA LYS B 149 -17.17 2.43 -12.37
C LYS B 149 -17.13 1.36 -13.42
N SER B 150 -15.95 0.90 -13.73
CA SER B 150 -15.76 -0.18 -14.67
C SER B 150 -16.60 -1.41 -14.30
N LEU B 151 -16.81 -1.69 -13.03
CA LEU B 151 -17.65 -2.79 -12.64
C LEU B 151 -19.12 -2.48 -12.49
N ASP B 152 -19.54 -1.23 -12.39
CA ASP B 152 -20.97 -0.88 -12.30
C ASP B 152 -21.61 -0.69 -13.69
N LYS B 153 -21.71 -1.79 -14.39
CA LYS B 153 -22.17 -1.80 -15.75
C LYS B 153 -23.57 -1.17 -15.85
N ASP B 154 -24.47 -1.60 -14.98
CA ASP B 154 -25.85 -1.14 -15.02
C ASP B 154 -26.12 0.19 -14.37
N GLY B 155 -25.15 0.79 -13.68
CA GLY B 155 -25.36 2.09 -13.04
C GLY B 155 -26.39 2.05 -11.91
N THR B 156 -26.29 0.97 -11.13
CA THR B 156 -27.08 0.74 -9.92
C THR B 156 -26.45 1.31 -8.60
N GLY B 157 -25.18 1.70 -8.65
CA GLY B 157 -24.37 2.08 -7.48
C GLY B 157 -23.93 0.86 -6.67
N GLN B 158 -24.09 -0.33 -7.22
CA GLN B 158 -23.68 -1.57 -6.56
C GLN B 158 -23.01 -2.44 -7.53
N ILE B 159 -21.88 -2.99 -7.11
CA ILE B 159 -21.09 -3.89 -7.91
C ILE B 159 -20.95 -5.24 -7.19
N GLN B 160 -20.73 -6.25 -8.01
CA GLN B 160 -20.62 -7.61 -7.56
C GLN B 160 -19.17 -7.88 -7.75
N VAL B 161 -18.43 -8.25 -6.74
CA VAL B 161 -17.01 -8.58 -7.00
C VAL B 161 -16.70 -10.02 -6.55
N ASN B 162 -16.21 -10.81 -7.51
CA ASN B 162 -15.79 -12.19 -7.28
C ASN B 162 -14.39 -12.14 -6.67
N ILE B 163 -14.02 -13.25 -6.07
CA ILE B 163 -12.85 -13.32 -5.24
C ILE B 163 -11.58 -13.15 -6.06
N GLN B 164 -11.55 -13.68 -7.27
CA GLN B 164 -10.41 -13.49 -8.19
C GLN B 164 -10.18 -12.01 -8.46
N GLU B 165 -11.22 -11.32 -8.90
CA GLU B 165 -11.17 -9.86 -9.12
C GLU B 165 -10.71 -9.08 -7.86
N TRP B 166 -11.32 -9.36 -6.71
CA TRP B 166 -10.94 -8.79 -5.41
C TRP B 166 -9.49 -8.96 -5.15
N LEU B 167 -8.97 -10.17 -5.35
CA LEU B 167 -7.58 -10.38 -5.01
C LEU B 167 -6.65 -9.64 -5.98
N GLN B 168 -7.02 -9.63 -7.23
CA GLN B 168 -6.23 -8.88 -8.22
C GLN B 168 -6.25 -7.43 -7.93
N LEU B 169 -7.42 -6.85 -7.69
CA LEU B 169 -7.50 -5.40 -7.40
C LEU B 169 -6.83 -4.94 -6.09
N THR B 170 -6.90 -5.75 -5.05
CA THR B 170 -6.31 -5.34 -3.81
C THR B 170 -4.80 -5.69 -3.78
N MET B 171 -4.40 -6.83 -4.32
CA MET B 171 -2.99 -7.23 -4.19
C MET B 171 -2.09 -6.56 -5.22
N TYR B 172 -2.58 -6.35 -6.45
CA TYR B 172 -1.73 -5.72 -7.43
C TYR B 172 -2.04 -4.21 -7.30
N SER B 173 -1.53 -3.67 -6.20
CA SER B 173 -1.87 -2.33 -5.77
C SER B 173 -0.84 -1.79 -4.81
#